data_7W9N
#
_entry.id   7W9N
#
loop_
_entity.id
_entity.type
_entity.pdbx_description
1 polymer 'OTA DNA APTAMER (33-MER)'
2 non-polymer '(2~{S})-2-[[(3~{R})-5-chloranyl-3-methyl-8-oxidanyl-1-oxidanylidene-3,4-dihydroisochromen-7-yl]carbonylamino]-3-phenyl-propanoic acid'
#
_entity_poly.entity_id   1
_entity_poly.type   'polydeoxyribonucleotide'
_entity_poly.pdbx_seq_one_letter_code
;(DC)(DG)(DA)(DT)(DC)(DG)(DG)(DG)(DT)(DG)(DT)(DG)(DG)(DG)(DT)(DG)(DG)(DC)(DG)(DT)
(DA)(DA)(DA)(DG)(DG)(DG)(DA)(DG)(DC)(DA)(DT)(DC)(DG)
;
_entity_poly.pdbx_strand_id   A
#